data_4ME6
#
_entry.id   4ME6
#
_cell.length_a   83.236
_cell.length_b   83.236
_cell.length_c   98.277
_cell.angle_alpha   90.00
_cell.angle_beta   90.00
_cell.angle_gamma   90.00
#
_symmetry.space_group_name_H-M   'P 43 21 2'
#
loop_
_entity.id
_entity.type
_entity.pdbx_description
1 polymer 'D-alanine--D-alanine ligase'
2 non-polymer 'MAGNESIUM ION'
3 non-polymer "ADENOSINE-5'-DIPHOSPHATE"
4 water water
#
_entity_poly.entity_id   1
_entity_poly.type   'polypeptide(L)'
_entity_poly.pdbx_seq_one_letter_code
;MGHHHHHHHSSENLYFQGHMRKIRVGLIFGGKSAEHEVSLQSARNILDALDPQRFEPVLIGIDKQGQWHVNDPDSFLLHA
DDPARIALHRSGRGVALLPGAQQQQLRPIQPEQALAQIDVVFPIVHGTLGEDGSLQGLLRMANLPFVGSGVLGSAVAMDK
DMAKRVLRDARLAVAPFVCFDRHTAAHADVDTLIAQLGLPLFVKPANQGSSVGVSQVRTADAFAAALALALAYDHKVLVE
AAVAGREIECAVLGNAVPHASVCGEVVVHDAFYSYATKYISEHGAEIVIPADIDAQTQQRIQQIAVQAYQALGCAGMARV
DVFLCADGRIVINEVNTLPGFTRISVYPKLWQASGLDYRGLITRLIELALERHTDDQLLRSAVELH
;
_entity_poly.pdbx_strand_id   A
#
# COMPACT_ATOMS: atom_id res chain seq x y z
N ARG A 21 10.81 -6.06 27.80
CA ARG A 21 11.78 -6.92 27.04
C ARG A 21 11.17 -7.39 25.71
N LYS A 22 10.07 -8.14 25.75
CA LYS A 22 9.30 -8.41 24.55
C LYS A 22 8.69 -7.09 24.06
N ILE A 23 8.57 -6.94 22.75
CA ILE A 23 7.99 -5.75 22.15
C ILE A 23 6.54 -6.04 21.88
N ARG A 24 5.67 -5.07 22.16
CA ARG A 24 4.24 -5.20 21.96
C ARG A 24 3.88 -4.60 20.58
N VAL A 25 3.33 -5.45 19.72
CA VAL A 25 3.02 -5.07 18.35
C VAL A 25 1.53 -4.91 18.19
N GLY A 26 1.06 -3.70 17.97
CA GLY A 26 -0.36 -3.45 17.75
C GLY A 26 -0.69 -3.62 16.30
N LEU A 27 -1.48 -4.64 16.00
CA LEU A 27 -1.84 -4.97 14.65
C LEU A 27 -3.15 -4.35 14.41
N ILE A 28 -3.20 -3.41 13.48
CA ILE A 28 -4.48 -2.74 13.20
C ILE A 28 -4.86 -3.12 11.80
N PHE A 29 -6.06 -3.64 11.66
CA PHE A 29 -6.46 -4.31 10.42
C PHE A 29 -7.94 -4.15 10.15
N GLY A 30 -8.33 -4.48 8.96
CA GLY A 30 -9.70 -4.41 8.57
C GLY A 30 -9.89 -3.27 7.61
N GLY A 31 -10.88 -2.41 7.90
CA GLY A 31 -11.04 -1.20 7.10
C GLY A 31 -12.30 -1.26 6.24
N LYS A 32 -12.75 -0.07 5.85
CA LYS A 32 -13.90 0.06 4.95
C LYS A 32 -13.37 -0.02 3.56
N SER A 33 -13.48 -1.17 2.97
CA SER A 33 -12.70 -1.49 1.81
C SER A 33 -13.23 -2.76 1.20
N ALA A 34 -13.19 -2.79 -0.12
CA ALA A 34 -13.42 -4.01 -0.86
C ALA A 34 -12.39 -5.10 -0.46
N GLU A 35 -11.17 -4.68 -0.11
CA GLU A 35 -10.09 -5.59 0.30
C GLU A 35 -10.09 -5.87 1.81
N HIS A 36 -11.20 -5.55 2.47
CA HIS A 36 -11.35 -5.83 3.89
C HIS A 36 -10.93 -7.25 4.27
N GLU A 37 -11.41 -8.23 3.52
CA GLU A 37 -11.18 -9.64 3.84
C GLU A 37 -9.71 -10.04 3.65
N VAL A 38 -9.07 -9.44 2.66
CA VAL A 38 -7.62 -9.59 2.48
C VAL A 38 -6.87 -9.13 3.77
N SER A 39 -7.29 -8.00 4.33
CA SER A 39 -6.69 -7.49 5.57
C SER A 39 -6.90 -8.47 6.74
N LEU A 40 -8.10 -9.04 6.82
CA LEU A 40 -8.35 -10.12 7.80
C LEU A 40 -7.37 -11.28 7.65
N GLN A 41 -7.21 -11.79 6.44
CA GLN A 41 -6.33 -12.92 6.23
C GLN A 41 -4.87 -12.58 6.57
N SER A 42 -4.46 -11.41 6.15
CA SER A 42 -3.11 -10.90 6.45
C SER A 42 -2.83 -10.84 7.94
N ALA A 43 -3.80 -10.34 8.67
CA ALA A 43 -3.64 -10.21 10.11
C ALA A 43 -3.43 -11.59 10.73
N ARG A 44 -4.18 -12.56 10.25
CA ARG A 44 -4.05 -13.91 10.72
C ARG A 44 -2.66 -14.49 10.46
N ASN A 45 -2.15 -14.28 9.26
CA ASN A 45 -0.86 -14.77 8.88
C ASN A 45 0.24 -14.10 9.64
N ILE A 46 0.11 -12.80 9.84
CA ILE A 46 1.11 -12.06 10.55
C ILE A 46 1.14 -12.60 11.98
N LEU A 47 -0.03 -12.80 12.52
CA LEU A 47 -0.14 -13.25 13.86
C LEU A 47 0.52 -14.61 14.04
N ASP A 48 0.34 -15.52 13.08
CA ASP A 48 1.02 -16.79 13.16
C ASP A 48 2.49 -16.72 12.98
N ALA A 49 3.00 -15.74 12.30
CA ALA A 49 4.39 -15.73 12.05
C ALA A 49 5.16 -14.87 13.00
N LEU A 50 4.46 -14.01 13.77
CA LEU A 50 5.17 -13.08 14.66
C LEU A 50 6.16 -13.79 15.60
N ASP A 51 7.42 -13.38 15.58
CA ASP A 51 8.40 -14.06 16.37
C ASP A 51 8.08 -13.92 17.86
N PRO A 52 7.60 -15.00 18.52
CA PRO A 52 7.15 -14.92 19.92
C PRO A 52 8.29 -14.79 20.93
N GLN A 53 9.53 -14.97 20.49
CA GLN A 53 10.66 -14.57 21.32
C GLN A 53 10.61 -13.05 21.51
N ARG A 54 10.22 -12.33 20.47
CA ARG A 54 10.42 -10.88 20.44
C ARG A 54 9.16 -10.06 20.61
N PHE A 55 8.02 -10.57 20.20
CA PHE A 55 6.86 -9.74 20.05
C PHE A 55 5.68 -10.34 20.70
N GLU A 56 4.84 -9.52 21.36
CA GLU A 56 3.49 -9.92 21.83
C GLU A 56 2.47 -9.12 21.02
N PRO A 57 1.37 -9.74 20.59
CA PRO A 57 0.46 -9.02 19.72
C PRO A 57 -0.66 -8.37 20.45
N VAL A 58 -1.09 -7.19 20.02
CA VAL A 58 -2.34 -6.63 20.46
C VAL A 58 -3.15 -6.39 19.21
N LEU A 59 -4.42 -6.70 19.24
CA LEU A 59 -5.25 -6.72 18.06
C LEU A 59 -6.30 -5.64 18.08
N ILE A 60 -6.32 -4.84 17.02
CA ILE A 60 -7.38 -3.82 16.85
C ILE A 60 -7.96 -3.97 15.47
N GLY A 61 -9.19 -4.45 15.41
CA GLY A 61 -9.87 -4.62 14.14
C GLY A 61 -10.74 -3.44 13.81
N ILE A 62 -10.78 -3.04 12.55
CA ILE A 62 -11.62 -1.96 12.15
C ILE A 62 -12.69 -2.53 11.23
N ASP A 63 -13.96 -2.49 11.64
CA ASP A 63 -15.03 -3.10 10.85
C ASP A 63 -15.32 -2.31 9.60
N LYS A 64 -16.36 -2.72 8.86
CA LYS A 64 -16.70 -2.16 7.58
C LYS A 64 -17.45 -0.85 7.66
N GLN A 65 -17.86 -0.46 8.87
CA GLN A 65 -18.39 0.91 9.11
C GLN A 65 -17.30 1.86 9.65
N GLY A 66 -16.07 1.35 9.82
CA GLY A 66 -14.96 2.12 10.28
C GLY A 66 -14.80 2.14 11.77
N GLN A 67 -15.54 1.29 12.46
CA GLN A 67 -15.47 1.21 13.93
C GLN A 67 -14.37 0.28 14.40
N TRP A 68 -13.69 0.73 15.43
CA TRP A 68 -12.54 0.03 15.98
C TRP A 68 -12.95 -0.93 17.11
N HIS A 69 -12.49 -2.17 17.07
CA HIS A 69 -12.75 -3.19 18.12
C HIS A 69 -11.46 -3.90 18.56
N VAL A 70 -11.18 -3.87 19.86
CA VAL A 70 -10.10 -4.64 20.37
C VAL A 70 -10.58 -6.11 20.42
N ASN A 71 -9.68 -7.04 20.13
CA ASN A 71 -9.97 -8.47 20.27
C ASN A 71 -8.80 -9.23 20.84
N ASP A 72 -9.06 -10.44 21.26
CA ASP A 72 -7.99 -11.36 21.65
C ASP A 72 -7.57 -12.17 20.42
N PRO A 73 -6.31 -12.56 20.37
CA PRO A 73 -5.80 -13.40 19.28
C PRO A 73 -6.68 -14.61 18.93
N ASP A 74 -7.38 -15.17 19.93
CA ASP A 74 -8.08 -16.42 19.72
C ASP A 74 -9.56 -16.26 19.42
N SER A 75 -10.03 -15.03 19.30
CA SER A 75 -11.42 -14.83 18.99
C SER A 75 -11.65 -13.58 18.18
N PHE A 76 -10.73 -13.25 17.29
CA PHE A 76 -10.90 -12.00 16.51
C PHE A 76 -11.62 -12.18 15.20
N LEU A 77 -11.82 -13.44 14.79
CA LEU A 77 -12.51 -13.74 13.50
C LEU A 77 -13.75 -14.59 13.61
N LEU A 78 -14.73 -14.32 12.77
CA LEU A 78 -15.89 -15.21 12.61
C LEU A 78 -15.65 -15.98 11.32
N HIS A 79 -16.00 -17.25 11.30
CA HIS A 79 -15.80 -18.11 10.13
C HIS A 79 -14.39 -17.98 9.54
N ALA A 80 -13.39 -18.08 10.40
CA ALA A 80 -12.02 -17.86 10.03
C ALA A 80 -11.62 -18.72 8.85
N ASP A 81 -12.14 -19.94 8.80
CA ASP A 81 -11.71 -20.93 7.82
C ASP A 81 -12.66 -21.02 6.61
N ASP A 82 -13.51 -20.03 6.43
CA ASP A 82 -14.36 -20.00 5.28
C ASP A 82 -14.11 -18.70 4.56
N PRO A 83 -13.39 -18.75 3.45
CA PRO A 83 -13.09 -17.52 2.74
C PRO A 83 -14.29 -16.73 2.30
N ALA A 84 -15.44 -17.37 2.19
CA ALA A 84 -16.59 -16.67 1.62
C ALA A 84 -17.36 -15.96 2.70
N ARG A 85 -17.12 -16.32 3.95
CA ARG A 85 -17.83 -15.78 5.08
C ARG A 85 -16.93 -15.17 6.19
N ILE A 86 -15.61 -15.32 6.09
CA ILE A 86 -14.70 -14.79 7.11
C ILE A 86 -14.99 -13.29 7.43
N ALA A 87 -15.12 -12.97 8.73
CA ALA A 87 -15.42 -11.57 9.14
C ALA A 87 -14.84 -11.26 10.47
N LEU A 88 -14.75 -9.96 10.74
CA LEU A 88 -14.24 -9.45 12.01
C LEU A 88 -15.24 -9.70 13.14
N HIS A 89 -14.73 -10.19 14.25
CA HIS A 89 -15.49 -10.24 15.46
C HIS A 89 -15.65 -8.80 16.00
N ARG A 90 -16.83 -8.23 15.82
CA ARG A 90 -17.04 -6.86 16.28
C ARG A 90 -17.34 -6.95 17.78
N SER A 91 -16.29 -7.01 18.60
CA SER A 91 -16.42 -7.18 20.05
C SER A 91 -17.08 -6.01 20.79
N GLY A 92 -17.00 -4.81 20.20
CA GLY A 92 -17.51 -3.58 20.78
C GLY A 92 -16.68 -3.06 21.93
N ARG A 93 -15.50 -3.62 22.12
CA ARG A 93 -14.51 -3.05 23.01
C ARG A 93 -13.79 -1.93 22.26
N GLY A 94 -14.25 -0.70 22.51
CA GLY A 94 -13.88 0.43 21.73
C GLY A 94 -12.52 0.93 22.12
N VAL A 95 -11.96 1.76 21.23
CA VAL A 95 -10.61 2.34 21.39
C VAL A 95 -10.64 3.87 21.37
N ALA A 96 -9.97 4.48 22.34
CA ALA A 96 -9.72 5.91 22.36
C ALA A 96 -8.24 6.16 22.13
N LEU A 97 -7.96 7.23 21.41
CA LEU A 97 -6.63 7.68 21.19
C LEU A 97 -6.35 8.96 22.01
N LEU A 98 -5.22 9.00 22.66
CA LEU A 98 -4.81 10.18 23.39
C LEU A 98 -3.75 10.98 22.68
N PRO A 99 -4.16 12.00 21.91
CA PRO A 99 -3.15 12.73 21.13
C PRO A 99 -2.25 13.50 22.03
N GLY A 100 -0.96 13.50 21.72
CA GLY A 100 0.02 14.13 22.58
C GLY A 100 0.52 13.25 23.71
N ALA A 101 -0.15 12.12 23.96
CA ALA A 101 0.26 11.27 25.05
C ALA A 101 1.51 10.52 24.61
N GLN A 102 2.33 10.17 25.60
CA GLN A 102 3.61 9.48 25.43
C GLN A 102 3.58 8.02 25.95
N GLN A 103 2.54 7.65 26.69
CA GLN A 103 2.31 6.30 27.21
C GLN A 103 0.86 5.96 27.17
N GLN A 104 0.52 4.69 27.08
CA GLN A 104 -0.88 4.27 27.02
C GLN A 104 -1.73 5.14 26.06
N GLN A 105 -1.20 5.37 24.87
CA GLN A 105 -1.84 6.27 23.90
C GLN A 105 -3.11 5.72 23.37
N LEU A 106 -3.18 4.39 23.29
CA LEU A 106 -4.41 3.70 22.91
C LEU A 106 -5.11 3.21 24.13
N ARG A 107 -6.33 3.65 24.33
CA ARG A 107 -6.99 3.52 25.61
C ARG A 107 -8.26 2.78 25.34
N PRO A 108 -8.67 1.91 26.25
CA PRO A 108 -9.91 1.22 26.03
C PRO A 108 -11.04 2.12 26.41
N ILE A 109 -12.03 2.25 25.55
CA ILE A 109 -13.26 2.90 25.93
C ILE A 109 -13.96 1.90 26.86
N GLN A 110 -14.47 2.40 27.99
CA GLN A 110 -15.08 1.57 29.03
C GLN A 110 -14.06 0.65 29.71
N ALA A 116 -3.06 -3.19 26.92
CA ALA A 116 -1.57 -3.38 26.86
C ALA A 116 -0.94 -2.17 26.18
N GLN A 117 0.14 -1.63 26.74
CA GLN A 117 0.97 -0.62 26.06
C GLN A 117 1.42 -1.15 24.71
N ILE A 118 1.17 -0.41 23.64
CA ILE A 118 1.68 -0.78 22.33
C ILE A 118 3.01 -0.09 22.08
N ASP A 119 4.01 -0.87 21.70
CA ASP A 119 5.36 -0.29 21.38
C ASP A 119 5.60 -0.01 19.87
N VAL A 120 4.87 -0.69 18.98
CA VAL A 120 4.96 -0.46 17.55
C VAL A 120 3.66 -0.92 16.93
N VAL A 121 3.17 -0.17 15.94
CA VAL A 121 1.94 -0.49 15.24
C VAL A 121 2.24 -1.03 13.86
N PHE A 122 1.54 -2.08 13.46
CA PHE A 122 1.66 -2.66 12.14
C PHE A 122 0.30 -2.44 11.54
N PRO A 123 0.11 -1.33 10.78
CA PRO A 123 -1.19 -1.05 10.17
C PRO A 123 -1.36 -1.72 8.81
N ILE A 124 -2.43 -2.48 8.63
CA ILE A 124 -2.74 -3.08 7.34
C ILE A 124 -4.21 -2.82 7.05
N VAL A 125 -4.59 -1.55 7.20
CA VAL A 125 -5.96 -1.16 7.01
C VAL A 125 -6.09 -0.70 5.57
N HIS A 126 -6.83 -1.50 4.82
CA HIS A 126 -7.09 -1.22 3.43
C HIS A 126 -8.23 -0.22 3.34
N GLY A 127 -8.23 0.53 2.26
CA GLY A 127 -9.22 1.59 2.07
C GLY A 127 -8.55 2.95 2.16
N THR A 128 -9.30 3.97 1.77
CA THR A 128 -8.80 5.31 1.74
C THR A 128 -8.00 5.76 2.96
N LEU A 129 -8.58 5.63 4.15
CA LEU A 129 -8.02 6.28 5.31
C LEU A 129 -6.80 5.51 5.81
N GLY A 130 -6.84 4.18 5.61
CA GLY A 130 -5.78 3.30 6.02
C GLY A 130 -4.54 3.45 5.16
N GLU A 131 -4.74 3.93 3.95
CA GLU A 131 -3.68 3.93 2.99
C GLU A 131 -3.15 5.30 2.60
N ASP A 132 -3.93 6.34 2.86
CA ASP A 132 -3.68 7.63 2.23
C ASP A 132 -2.92 8.59 3.11
N GLY A 133 -2.49 8.12 4.29
CA GLY A 133 -1.70 8.96 5.18
C GLY A 133 -2.48 9.39 6.39
N SER A 134 -3.80 9.23 6.36
CA SER A 134 -4.65 9.69 7.42
C SER A 134 -4.37 8.88 8.67
N LEU A 135 -4.36 7.56 8.56
CA LEU A 135 -4.12 6.70 9.73
C LEU A 135 -2.66 6.89 10.22
N GLN A 136 -1.78 7.01 9.26
CA GLN A 136 -0.43 7.27 9.59
C GLN A 136 -0.30 8.59 10.39
N GLY A 137 -1.10 9.59 10.03
CA GLY A 137 -1.07 10.83 10.77
C GLY A 137 -1.60 10.70 12.20
N LEU A 138 -2.62 9.88 12.37
CA LEU A 138 -3.16 9.57 13.68
C LEU A 138 -2.12 8.92 14.54
N LEU A 139 -1.33 8.01 13.97
CA LEU A 139 -0.33 7.27 14.66
C LEU A 139 0.81 8.17 15.08
N ARG A 140 1.25 9.08 14.19
CA ARG A 140 2.17 10.14 14.57
C ARG A 140 1.71 11.02 15.68
N MET A 141 0.45 11.40 15.62
CA MET A 141 -0.14 12.29 16.70
C MET A 141 -0.17 11.59 18.03
N ALA A 142 -0.22 10.25 18.01
CA ALA A 142 -0.14 9.45 19.21
C ALA A 142 1.28 9.02 19.55
N ASN A 143 2.26 9.60 18.90
CA ASN A 143 3.64 9.25 19.08
C ASN A 143 3.90 7.73 18.98
N LEU A 144 3.16 7.04 18.12
CA LEU A 144 3.41 5.61 17.94
C LEU A 144 4.33 5.28 16.78
N PRO A 145 5.41 4.53 17.04
CA PRO A 145 6.11 3.93 15.92
C PRO A 145 5.17 3.04 15.12
N PHE A 146 5.38 2.99 13.82
CA PHE A 146 4.52 2.21 12.98
C PHE A 146 5.21 1.79 11.68
N VAL A 147 4.74 0.67 11.16
CA VAL A 147 5.30 0.07 10.01
C VAL A 147 4.82 0.74 8.74
N GLY A 148 5.73 0.89 7.80
CA GLY A 148 5.36 1.35 6.44
C GLY A 148 5.61 2.82 6.20
N SER A 149 5.11 3.35 5.10
CA SER A 149 5.39 4.72 4.75
C SER A 149 4.72 5.72 5.71
N GLY A 150 5.38 6.81 5.95
CA GLY A 150 4.81 7.90 6.73
C GLY A 150 3.74 8.66 5.98
N VAL A 151 3.46 9.88 6.43
CA VAL A 151 2.27 10.57 5.96
C VAL A 151 2.44 10.95 4.49
N LEU A 152 3.57 11.57 4.20
CA LEU A 152 3.85 12.07 2.90
C LEU A 152 3.94 10.97 1.88
N GLY A 153 4.74 9.93 2.17
CA GLY A 153 4.92 8.82 1.25
C GLY A 153 3.61 8.09 0.91
N SER A 154 2.78 7.93 1.91
CA SER A 154 1.51 7.28 1.76
C SER A 154 0.54 8.16 0.92
N ALA A 155 0.47 9.44 1.24
CA ALA A 155 -0.43 10.39 0.58
C ALA A 155 -0.04 10.49 -0.87
N VAL A 156 1.25 10.65 -1.15
CA VAL A 156 1.72 10.79 -2.52
C VAL A 156 1.49 9.52 -3.38
N ALA A 157 1.87 8.36 -2.83
CA ALA A 157 1.71 7.10 -3.57
C ALA A 157 0.25 6.77 -3.84
N MET A 158 -0.61 7.12 -2.91
CA MET A 158 -2.03 6.84 -3.01
C MET A 158 -2.73 7.71 -4.03
N ASP A 159 -2.22 8.90 -4.29
CA ASP A 159 -2.81 9.75 -5.26
C ASP A 159 -2.06 9.54 -6.60
N LYS A 160 -2.67 8.76 -7.48
CA LYS A 160 -1.99 8.33 -8.69
C LYS A 160 -1.58 9.50 -9.62
N ASP A 161 -2.33 10.60 -9.55
CA ASP A 161 -1.99 11.77 -10.28
C ASP A 161 -0.70 12.36 -9.73
N MET A 162 -0.68 12.60 -8.44
CA MET A 162 0.51 13.18 -7.80
C MET A 162 1.70 12.23 -7.94
N ALA A 163 1.49 10.94 -7.74
CA ALA A 163 2.57 9.97 -7.83
C ALA A 163 3.23 9.99 -9.20
N LYS A 164 2.43 10.00 -10.23
CA LYS A 164 2.99 10.08 -11.59
C LYS A 164 3.71 11.40 -11.88
N ARG A 165 3.24 12.52 -11.32
CA ARG A 165 3.95 13.78 -11.57
C ARG A 165 5.31 13.74 -10.92
N VAL A 166 5.40 13.19 -9.72
CA VAL A 166 6.69 13.14 -9.03
C VAL A 166 7.64 12.13 -9.71
N LEU A 167 7.11 10.99 -10.14
CA LEU A 167 7.86 9.97 -10.95
C LEU A 167 8.39 10.61 -12.25
N ARG A 168 7.52 11.32 -12.93
CA ARG A 168 7.85 12.02 -14.16
C ARG A 168 9.03 12.96 -13.97
N ASP A 169 8.98 13.71 -12.88
CA ASP A 169 9.98 14.70 -12.55
C ASP A 169 11.28 14.01 -12.19
N ALA A 170 11.20 12.83 -11.62
CA ALA A 170 12.40 12.06 -11.34
C ALA A 170 12.94 11.36 -12.60
N ARG A 171 12.41 11.68 -13.77
CA ARG A 171 12.83 11.09 -15.01
C ARG A 171 12.64 9.59 -15.05
N LEU A 172 11.60 9.07 -14.41
CA LEU A 172 11.21 7.72 -14.64
C LEU A 172 10.04 7.75 -15.55
N ALA A 173 9.85 6.69 -16.32
CA ALA A 173 8.82 6.65 -17.33
C ALA A 173 7.49 6.26 -16.68
N VAL A 174 6.42 6.96 -17.04
CA VAL A 174 5.07 6.54 -16.66
C VAL A 174 4.21 6.62 -17.90
N ALA A 175 3.04 6.02 -17.88
CA ALA A 175 2.12 6.12 -19.01
C ALA A 175 1.73 7.56 -19.19
N PRO A 176 1.75 8.03 -20.42
CA PRO A 176 1.26 9.38 -20.67
C PRO A 176 -0.19 9.52 -20.22
N PHE A 177 -0.56 10.71 -19.77
CA PHE A 177 -1.85 10.84 -19.10
C PHE A 177 -2.36 12.27 -18.94
N VAL A 178 -3.67 12.38 -18.80
CA VAL A 178 -4.31 13.62 -18.48
C VAL A 178 -5.17 13.40 -17.24
N CYS A 179 -5.30 14.39 -16.38
CA CYS A 179 -6.02 14.18 -15.14
C CYS A 179 -7.21 15.11 -15.19
N PHE A 180 -8.41 14.64 -14.88
CA PHE A 180 -9.59 15.54 -14.85
C PHE A 180 -10.23 15.60 -13.44
N ASP A 181 -10.89 16.70 -13.13
CA ASP A 181 -11.79 16.76 -11.96
C ASP A 181 -13.22 16.99 -12.42
N ARG A 182 -14.16 17.17 -11.50
CA ARG A 182 -15.54 17.42 -11.88
C ARG A 182 -15.61 18.68 -12.72
N HIS A 183 -14.89 19.70 -12.31
CA HIS A 183 -14.96 21.01 -12.94
C HIS A 183 -14.30 21.13 -14.31
N THR A 184 -13.61 20.09 -14.76
CA THR A 184 -12.96 20.08 -16.07
C THR A 184 -13.43 18.92 -16.93
N ALA A 185 -14.06 17.94 -16.29
CA ALA A 185 -14.62 16.81 -16.97
C ALA A 185 -15.84 17.25 -17.73
N HIS A 187 -15.84 19.64 -19.91
CA HIS A 187 -14.89 20.29 -20.81
C HIS A 187 -13.85 19.27 -21.31
N ALA A 188 -14.25 18.01 -21.46
CA ALA A 188 -13.35 16.98 -21.98
C ALA A 188 -13.67 16.71 -23.44
N ASP A 189 -12.65 16.80 -24.28
CA ASP A 189 -12.79 16.51 -25.69
C ASP A 189 -12.15 15.15 -26.01
N VAL A 190 -13.00 14.17 -26.30
CA VAL A 190 -12.54 12.80 -26.54
C VAL A 190 -11.52 12.77 -27.67
N ASP A 191 -11.78 13.60 -28.70
CA ASP A 191 -10.94 13.67 -29.89
C ASP A 191 -9.53 14.14 -29.60
N THR A 192 -9.42 15.23 -28.89
CA THR A 192 -8.09 15.71 -28.53
C THR A 192 -7.40 14.64 -27.71
N LEU A 193 -8.19 13.94 -26.87
CA LEU A 193 -7.63 12.88 -26.00
C LEU A 193 -7.06 11.69 -26.80
N ILE A 194 -7.85 11.26 -27.75
CA ILE A 194 -7.36 10.24 -28.63
C ILE A 194 -6.17 10.73 -29.47
N ALA A 195 -6.15 11.98 -29.90
CA ALA A 195 -4.98 12.40 -30.70
C ALA A 195 -3.70 12.36 -29.89
N GLN A 196 -3.79 12.72 -28.62
CA GLN A 196 -2.65 12.77 -27.75
C GLN A 196 -2.27 11.40 -27.20
N LEU A 197 -3.26 10.63 -26.75
CA LEU A 197 -2.98 9.40 -25.98
C LEU A 197 -3.32 8.08 -26.68
N GLY A 198 -4.17 8.16 -27.71
CA GLY A 198 -4.54 7.03 -28.48
C GLY A 198 -5.70 6.27 -27.91
N LEU A 199 -5.75 5.00 -28.31
CA LEU A 199 -6.81 4.09 -27.99
C LEU A 199 -6.16 2.70 -27.90
N PRO A 200 -6.57 1.87 -26.95
CA PRO A 200 -7.54 2.15 -25.92
C PRO A 200 -7.00 3.13 -24.91
N LEU A 201 -7.91 3.68 -24.10
CA LEU A 201 -7.53 4.56 -22.96
C LEU A 201 -7.94 3.89 -21.66
N PHE A 202 -7.12 4.06 -20.64
CA PHE A 202 -7.49 3.56 -19.31
C PHE A 202 -7.90 4.67 -18.39
N VAL A 203 -9.13 4.56 -17.94
CA VAL A 203 -9.76 5.58 -17.14
C VAL A 203 -9.81 5.11 -15.70
N LYS A 204 -9.25 5.95 -14.83
CA LYS A 204 -8.96 5.56 -13.43
C LYS A 204 -9.26 6.73 -12.49
N PRO A 205 -9.89 6.46 -11.37
CA PRO A 205 -9.98 7.47 -10.35
C PRO A 205 -8.56 7.60 -9.73
N ALA A 206 -8.16 8.80 -9.35
CA ALA A 206 -6.79 9.06 -8.92
C ALA A 206 -6.45 8.38 -7.57
N ASN A 207 -7.45 8.20 -6.71
CA ASN A 207 -7.33 7.37 -5.51
C ASN A 207 -7.08 5.85 -5.74
N GLN A 208 -5.90 5.37 -5.36
CA GLN A 208 -5.52 3.96 -5.60
C GLN A 208 -6.15 2.85 -4.70
N VAL A 212 -11.31 -0.26 -8.63
CA VAL A 212 -12.74 0.07 -8.82
C VAL A 212 -12.94 1.43 -9.51
N GLY A 213 -13.95 1.54 -10.37
CA GLY A 213 -14.12 2.73 -11.21
C GLY A 213 -13.14 2.80 -12.39
N VAL A 214 -12.35 1.75 -12.56
CA VAL A 214 -11.45 1.64 -13.71
C VAL A 214 -12.24 1.15 -14.92
N SER A 215 -11.91 1.66 -16.12
CA SER A 215 -12.51 1.22 -17.37
C SER A 215 -11.43 1.24 -18.46
N GLN A 216 -11.45 0.20 -19.31
CA GLN A 216 -10.70 0.22 -20.54
C GLN A 216 -11.59 0.73 -21.68
N VAL A 217 -11.39 1.95 -22.12
CA VAL A 217 -12.23 2.48 -23.20
C VAL A 217 -11.58 2.12 -24.56
N ARG A 218 -12.28 1.25 -25.28
CA ARG A 218 -11.79 0.72 -26.56
C ARG A 218 -12.19 1.65 -27.71
N THR A 219 -13.33 2.32 -27.57
CA THR A 219 -13.77 3.30 -28.57
C THR A 219 -14.10 4.64 -27.96
N ALA A 220 -13.88 5.68 -28.77
CA ALA A 220 -14.14 7.06 -28.38
C ALA A 220 -15.54 7.26 -27.74
N ASP A 221 -16.47 6.38 -28.07
CA ASP A 221 -17.86 6.54 -27.66
C ASP A 221 -18.13 5.96 -26.31
N ALA A 222 -17.26 5.07 -25.85
CA ALA A 222 -17.44 4.50 -24.49
C ALA A 222 -16.78 5.36 -23.37
N PHE A 223 -16.13 6.44 -23.79
CA PHE A 223 -15.35 7.26 -22.88
C PHE A 223 -16.24 7.97 -21.88
N ALA A 224 -17.20 8.70 -22.42
CA ALA A 224 -18.06 9.52 -21.62
C ALA A 224 -18.49 8.75 -20.39
N ALA A 225 -18.93 7.53 -20.59
CA ALA A 225 -19.45 6.77 -19.50
C ALA A 225 -18.36 6.35 -18.46
N ALA A 226 -17.16 6.06 -18.93
CA ALA A 226 -16.06 5.70 -18.03
C ALA A 226 -15.68 6.89 -17.17
N LEU A 227 -15.60 8.03 -17.81
CA LEU A 227 -15.31 9.25 -17.13
C LEU A 227 -16.33 9.49 -16.03
N ALA A 228 -17.60 9.24 -16.36
CA ALA A 228 -18.65 9.47 -15.41
C ALA A 228 -18.62 8.47 -14.24
N LEU A 229 -18.39 7.20 -14.52
CA LEU A 229 -18.26 6.17 -13.47
C LEU A 229 -17.12 6.47 -12.47
N ALA A 230 -15.96 6.80 -13.00
CA ALA A 230 -14.79 7.09 -12.18
C ALA A 230 -15.04 8.28 -11.26
N LEU A 231 -15.67 9.30 -11.80
CA LEU A 231 -15.94 10.46 -11.02
C LEU A 231 -16.91 10.20 -9.87
N ALA A 232 -17.62 9.08 -9.85
CA ALA A 232 -18.41 8.72 -8.65
C ALA A 232 -17.56 8.28 -7.49
N TYR A 233 -16.31 7.92 -7.75
CA TYR A 233 -15.42 7.44 -6.71
C TYR A 233 -14.42 8.47 -6.25
N ASP A 234 -13.87 9.28 -7.16
CA ASP A 234 -12.93 10.30 -6.76
C ASP A 234 -13.29 11.62 -7.39
N HIS A 235 -12.77 12.68 -6.81
CA HIS A 235 -12.82 14.01 -7.38
C HIS A 235 -11.86 14.22 -8.54
N LYS A 236 -10.94 13.27 -8.68
CA LYS A 236 -9.97 13.30 -9.79
C LYS A 236 -9.89 11.99 -10.52
N VAL A 237 -9.80 12.11 -11.85
CA VAL A 237 -9.83 10.93 -12.72
C VAL A 237 -8.69 11.08 -13.68
N LEU A 238 -7.87 10.03 -13.78
CA LEU A 238 -6.77 9.94 -14.75
C LEU A 238 -7.22 9.27 -16.05
N VAL A 239 -6.69 9.74 -17.17
CA VAL A 239 -6.91 9.09 -18.44
C VAL A 239 -5.54 8.80 -19.02
N GLU A 240 -5.25 7.52 -19.17
CA GLU A 240 -3.93 7.05 -19.54
C GLU A 240 -3.91 6.38 -20.89
N ALA A 241 -2.85 6.61 -21.64
CA ALA A 241 -2.54 5.87 -22.85
C ALA A 241 -2.23 4.43 -22.48
N ALA A 242 -2.43 3.53 -23.41
CA ALA A 242 -2.08 2.13 -23.22
C ALA A 242 -0.56 1.94 -23.19
N VAL A 243 -0.10 1.00 -22.37
CA VAL A 243 1.26 0.58 -22.41
C VAL A 243 1.27 -0.88 -22.78
N ALA A 244 2.00 -1.17 -23.86
CA ALA A 244 2.14 -2.51 -24.35
C ALA A 244 3.39 -3.14 -23.72
N GLY A 245 3.18 -4.21 -23.00
CA GLY A 245 4.32 -4.90 -22.40
C GLY A 245 3.94 -5.85 -21.30
N ARG A 246 4.94 -6.61 -20.87
CA ARG A 246 4.74 -7.58 -19.83
C ARG A 246 4.72 -6.89 -18.47
N GLU A 247 4.05 -7.53 -17.53
CA GLU A 247 3.81 -6.98 -16.21
C GLU A 247 4.73 -7.63 -15.26
N ILE A 248 5.65 -6.85 -14.74
CA ILE A 248 6.62 -7.35 -13.78
C ILE A 248 6.37 -6.60 -12.44
N GLU A 249 6.35 -7.34 -11.32
CA GLU A 249 6.24 -6.75 -10.00
C GLU A 249 7.49 -7.06 -9.14
N CYS A 250 7.87 -6.09 -8.30
CA CYS A 250 9.10 -6.14 -7.52
C CYS A 250 8.89 -5.52 -6.15
N ALA A 251 9.32 -6.23 -5.10
CA ALA A 251 9.12 -5.84 -3.69
C ALA A 251 10.27 -5.05 -3.21
N VAL A 252 9.98 -3.93 -2.54
CA VAL A 252 11.01 -3.12 -1.93
C VAL A 252 10.88 -3.10 -0.39
N LEU A 253 12.01 -3.11 0.27
CA LEU A 253 12.07 -3.10 1.71
C LEU A 253 13.18 -2.19 2.18
N GLY A 254 12.94 -1.36 3.21
CA GLY A 254 13.96 -0.52 3.75
C GLY A 254 13.49 0.89 4.00
N ASN A 255 14.26 1.61 4.76
CA ASN A 255 14.05 3.03 4.86
C ASN A 255 14.99 3.78 3.94
N ALA A 256 16.09 4.32 4.47
CA ALA A 256 16.99 5.11 3.66
C ALA A 256 17.82 4.29 2.68
N VAL A 257 18.11 3.04 2.97
CA VAL A 257 18.78 2.25 1.94
C VAL A 257 17.88 1.14 1.52
N PRO A 258 16.98 1.41 0.58
CA PRO A 258 16.02 0.37 0.26
C PRO A 258 16.64 -0.79 -0.52
N HIS A 259 16.19 -2.02 -0.28
CA HIS A 259 16.53 -3.19 -1.13
C HIS A 259 15.36 -3.69 -1.95
N ALA A 260 15.68 -4.35 -3.06
CA ALA A 260 14.72 -4.90 -4.00
C ALA A 260 14.76 -6.44 -4.04
N SER A 261 13.57 -7.05 -4.12
CA SER A 261 13.42 -8.48 -4.27
C SER A 261 13.71 -8.90 -5.69
N VAL A 262 13.68 -10.21 -5.93
CA VAL A 262 13.66 -10.68 -7.28
C VAL A 262 12.32 -10.29 -7.88
N CYS A 263 12.23 -10.29 -9.21
CA CYS A 263 10.97 -9.99 -9.89
C CYS A 263 10.00 -11.16 -10.14
N GLY A 264 8.75 -10.80 -10.34
CA GLY A 264 7.66 -11.73 -10.56
C GLY A 264 6.84 -11.25 -11.74
N GLU A 265 6.41 -12.17 -12.59
CA GLU A 265 5.65 -11.79 -13.80
C GLU A 265 4.21 -12.17 -13.73
N VAL A 266 3.34 -11.19 -13.96
CA VAL A 266 1.91 -11.43 -13.93
C VAL A 266 1.55 -12.01 -15.29
N VAL A 267 1.22 -13.30 -15.33
CA VAL A 267 0.91 -14.01 -16.59
C VAL A 267 -0.58 -14.34 -16.67
N GLU A 286 -2.23 -15.21 -11.13
CA GLU A 286 -1.39 -15.80 -12.17
C GLU A 286 0.02 -15.20 -12.20
N ILE A 287 0.77 -15.39 -11.11
CA ILE A 287 2.07 -14.73 -10.93
C ILE A 287 3.17 -15.76 -11.10
N VAL A 288 4.31 -15.39 -11.69
CA VAL A 288 5.43 -16.29 -11.89
C VAL A 288 6.73 -15.79 -11.29
N ILE A 289 7.17 -16.48 -10.23
CA ILE A 289 8.36 -16.11 -9.52
C ILE A 289 9.40 -17.21 -9.57
N PRO A 290 10.63 -16.88 -9.95
CA PRO A 290 11.10 -15.58 -10.41
C PRO A 290 10.67 -15.37 -11.81
N ALA A 291 10.54 -14.12 -12.22
CA ALA A 291 10.12 -13.80 -13.59
C ALA A 291 11.11 -14.39 -14.60
N ASP A 292 10.62 -14.87 -15.73
CA ASP A 292 11.49 -15.31 -16.80
C ASP A 292 12.08 -14.16 -17.61
N ILE A 293 13.09 -13.52 -17.06
CA ILE A 293 13.74 -12.41 -17.70
C ILE A 293 15.19 -12.53 -17.34
N ASP A 294 16.02 -11.85 -18.10
CA ASP A 294 17.44 -12.02 -17.91
C ASP A 294 17.88 -11.31 -16.65
N ALA A 295 19.10 -11.56 -16.21
CA ALA A 295 19.69 -10.84 -15.07
C ALA A 295 19.80 -9.32 -15.26
N GLN A 296 20.31 -8.88 -16.41
CA GLN A 296 20.44 -7.46 -16.67
C GLN A 296 19.08 -6.74 -16.55
N THR A 297 18.00 -7.36 -17.06
CA THR A 297 16.69 -6.76 -17.05
C THR A 297 16.14 -6.74 -15.62
N GLN A 298 16.25 -7.84 -14.89
CA GLN A 298 15.81 -7.82 -13.52
C GLN A 298 16.52 -6.71 -12.74
N GLN A 299 17.81 -6.53 -13.02
CA GLN A 299 18.59 -5.57 -12.29
C GLN A 299 18.14 -4.16 -12.59
N ARG A 300 17.85 -3.88 -13.86
CA ARG A 300 17.37 -2.54 -14.12
C ARG A 300 15.95 -2.25 -13.61
N ILE A 301 15.07 -3.25 -13.52
CA ILE A 301 13.74 -3.10 -12.88
C ILE A 301 13.88 -2.90 -11.34
N GLN A 302 14.76 -3.67 -10.72
CA GLN A 302 15.07 -3.49 -9.31
C GLN A 302 15.56 -2.08 -9.04
N GLN A 303 16.47 -1.59 -9.87
CA GLN A 303 17.00 -0.24 -9.69
C GLN A 303 15.92 0.81 -9.87
N ILE A 304 15.03 0.59 -10.83
CA ILE A 304 13.95 1.52 -11.07
C ILE A 304 12.96 1.54 -9.90
N ALA A 305 12.73 0.38 -9.34
CA ALA A 305 11.80 0.21 -8.22
C ALA A 305 12.28 0.98 -7.03
N VAL A 306 13.56 0.85 -6.71
CA VAL A 306 14.20 1.64 -5.63
C VAL A 306 14.15 3.18 -5.85
N GLN A 307 14.51 3.59 -7.05
CA GLN A 307 14.44 4.99 -7.42
C GLN A 307 13.01 5.57 -7.33
N ALA A 308 12.02 4.87 -7.83
CA ALA A 308 10.63 5.31 -7.69
C ALA A 308 10.26 5.46 -6.22
N TYR A 309 10.63 4.48 -5.44
CA TYR A 309 10.39 4.42 -3.96
C TYR A 309 10.99 5.61 -3.23
N GLN A 310 12.19 5.98 -3.62
CA GLN A 310 12.89 7.11 -3.01
C GLN A 310 12.25 8.42 -3.46
N ALA A 311 11.86 8.49 -4.71
CA ALA A 311 11.26 9.70 -5.23
C ALA A 311 9.95 10.09 -4.53
N LEU A 312 9.13 9.11 -4.26
CA LEU A 312 7.82 9.33 -3.65
C LEU A 312 7.89 9.42 -2.10
N GLY A 313 9.04 9.10 -1.53
CA GLY A 313 9.34 9.21 -0.11
C GLY A 313 8.78 8.04 0.65
N CYS A 314 8.80 6.85 0.05
CA CYS A 314 8.29 5.63 0.66
C CYS A 314 9.17 5.21 1.82
N ALA A 315 8.64 4.47 2.78
CA ALA A 315 9.49 3.81 3.79
C ALA A 315 8.89 2.47 4.12
N GLY A 316 9.69 1.61 4.75
CA GLY A 316 9.28 0.29 5.15
C GLY A 316 9.15 -0.70 4.05
N MET A 317 8.07 -0.56 3.28
CA MET A 317 7.66 -1.51 2.26
C MET A 317 6.93 -0.79 1.13
N ALA A 318 7.19 -1.29 -0.07
CA ALA A 318 6.25 -1.08 -1.24
C ALA A 318 6.37 -2.20 -2.25
N ARG A 319 5.28 -2.44 -2.99
CA ARG A 319 5.36 -3.26 -4.19
C ARG A 319 5.33 -2.33 -5.37
N VAL A 320 6.29 -2.46 -6.32
CA VAL A 320 6.33 -1.65 -7.51
C VAL A 320 5.93 -2.48 -8.71
N ASP A 321 4.94 -2.01 -9.46
CA ASP A 321 4.42 -2.73 -10.66
C ASP A 321 4.81 -1.93 -11.91
N VAL A 322 5.52 -2.59 -12.83
CA VAL A 322 5.98 -1.97 -14.05
C VAL A 322 5.53 -2.74 -15.28
N PHE A 323 5.68 -2.08 -16.41
CA PHE A 323 5.49 -2.71 -17.69
C PHE A 323 6.86 -2.84 -18.27
N LEU A 324 7.11 -3.96 -18.93
CA LEU A 324 8.39 -4.17 -19.62
C LEU A 324 8.03 -4.30 -21.08
N CYS A 325 8.41 -3.29 -21.83
CA CYS A 325 8.07 -3.22 -23.24
C CYS A 325 9.04 -4.06 -24.13
N ALA A 326 8.60 -4.40 -25.34
CA ALA A 326 9.39 -5.20 -26.28
C ALA A 326 10.80 -4.63 -26.53
N ASP A 327 10.93 -3.32 -26.57
CA ASP A 327 12.24 -2.68 -26.77
C ASP A 327 13.11 -2.56 -25.49
N GLY A 328 12.65 -3.15 -24.38
CA GLY A 328 13.34 -2.99 -23.10
C GLY A 328 13.06 -1.70 -22.28
N ARG A 329 12.23 -0.79 -22.76
CA ARG A 329 11.84 0.34 -21.89
C ARG A 329 11.01 -0.23 -20.72
N ILE A 330 11.19 0.40 -19.57
CA ILE A 330 10.48 0.03 -18.35
C ILE A 330 9.61 1.25 -17.94
N VAL A 331 8.30 1.02 -17.82
CA VAL A 331 7.29 2.04 -17.54
C VAL A 331 6.61 1.66 -16.23
N ILE A 332 6.69 2.55 -15.25
CA ILE A 332 6.09 2.32 -13.93
C ILE A 332 4.59 2.45 -14.01
N ASN A 333 3.86 1.41 -13.63
CA ASN A 333 2.39 1.48 -13.53
C ASN A 333 1.90 1.96 -12.16
N GLU A 334 2.46 1.41 -11.08
CA GLU A 334 1.97 1.69 -9.74
C GLU A 334 3.04 1.44 -8.68
N VAL A 335 3.09 2.30 -7.67
CA VAL A 335 3.87 2.06 -6.45
C VAL A 335 2.86 1.96 -5.34
N ASN A 336 2.82 0.78 -4.72
CA ASN A 336 1.84 0.46 -3.72
C ASN A 336 2.46 0.31 -2.37
N THR A 337 2.04 1.21 -1.48
CA THR A 337 2.63 1.28 -0.13
C THR A 337 1.94 0.35 0.90
N LEU A 338 0.87 -0.31 0.50
CA LEU A 338 0.24 -1.30 1.32
C LEU A 338 0.05 -2.61 0.55
N PRO A 339 1.11 -3.37 0.37
CA PRO A 339 0.92 -4.68 -0.21
C PRO A 339 0.23 -5.68 0.71
N GLY A 340 -0.17 -6.78 0.09
CA GLY A 340 -0.83 -7.87 0.80
C GLY A 340 0.16 -8.64 1.56
N PHE A 341 -0.28 -9.20 2.68
CA PHE A 341 0.56 -9.96 3.58
C PHE A 341 -0.01 -11.30 3.88
N THR A 342 -0.91 -11.77 3.01
CA THR A 342 -1.31 -13.14 3.16
C THR A 342 -0.16 -13.99 2.64
N ARG A 343 -0.25 -15.26 2.95
CA ARG A 343 0.77 -16.22 2.51
C ARG A 343 0.77 -16.39 0.99
N ILE A 344 -0.36 -16.14 0.32
CA ILE A 344 -0.41 -16.14 -1.11
C ILE A 344 -0.21 -14.76 -1.75
N SER A 345 0.13 -13.69 -0.99
CA SER A 345 0.24 -12.35 -1.60
C SER A 345 1.58 -12.29 -2.27
N VAL A 346 1.67 -11.44 -3.28
CA VAL A 346 2.91 -11.31 -4.05
C VAL A 346 4.10 -10.77 -3.25
N TYR A 347 3.87 -9.73 -2.45
CA TYR A 347 4.99 -9.06 -1.75
C TYR A 347 5.85 -10.03 -0.88
N PRO A 348 5.21 -10.78 -0.01
CA PRO A 348 5.96 -11.80 0.76
C PRO A 348 6.52 -12.97 -0.05
N LYS A 349 5.83 -13.38 -1.10
CA LYS A 349 6.37 -14.42 -1.95
C LYS A 349 7.61 -13.93 -2.69
N LEU A 350 7.65 -12.64 -3.04
CA LEU A 350 8.83 -12.07 -3.72
C LEU A 350 10.04 -12.05 -2.83
N TRP A 351 9.83 -11.71 -1.56
CA TRP A 351 10.90 -11.77 -0.57
C TRP A 351 11.27 -13.22 -0.23
N GLN A 352 10.30 -14.12 -0.17
CA GLN A 352 10.58 -15.55 0.07
C GLN A 352 11.58 -16.07 -0.98
N ALA A 353 11.28 -15.79 -2.25
CA ALA A 353 12.12 -16.15 -3.38
C ALA A 353 13.46 -15.41 -3.42
N SER A 354 13.64 -14.43 -2.57
CA SER A 354 14.88 -13.70 -2.50
C SER A 354 15.63 -14.13 -1.24
N GLY A 355 15.14 -15.16 -0.57
CA GLY A 355 15.83 -15.63 0.61
C GLY A 355 15.44 -14.93 1.89
N LEU A 356 14.36 -14.15 1.87
CA LEU A 356 13.80 -13.62 3.10
C LEU A 356 12.47 -14.27 3.45
N ASP A 357 12.49 -15.06 4.49
CA ASP A 357 11.33 -15.71 5.05
C ASP A 357 10.29 -14.77 5.72
N TYR A 358 9.07 -15.26 5.82
CA TYR A 358 7.95 -14.47 6.22
C TYR A 358 8.07 -13.90 7.65
N ARG A 359 8.43 -14.74 8.62
CA ARG A 359 8.65 -14.27 9.95
C ARG A 359 9.66 -13.16 9.93
N GLY A 360 10.71 -13.39 9.20
CA GLY A 360 11.83 -12.48 9.13
C GLY A 360 11.55 -11.18 8.38
N LEU A 361 10.77 -11.24 7.32
CA LEU A 361 10.22 -10.04 6.73
C LEU A 361 9.47 -9.15 7.77
N ILE A 362 8.50 -9.74 8.45
CA ILE A 362 7.75 -9.08 9.50
C ILE A 362 8.63 -8.46 10.58
N THR A 363 9.61 -9.22 11.06
CA THR A 363 10.56 -8.70 12.05
C THR A 363 11.33 -7.53 11.51
N ARG A 364 11.74 -7.61 10.23
CA ARG A 364 12.48 -6.48 9.66
C ARG A 364 11.61 -5.20 9.54
N LEU A 365 10.33 -5.38 9.21
CA LEU A 365 9.42 -4.26 9.01
C LEU A 365 9.26 -3.54 10.36
N ILE A 366 9.20 -4.32 11.44
CA ILE A 366 9.09 -3.76 12.78
C ILE A 366 10.41 -3.07 13.16
N GLU A 367 11.51 -3.68 12.85
CA GLU A 367 12.77 -3.01 13.20
C GLU A 367 12.92 -1.71 12.46
N LEU A 368 12.48 -1.69 11.20
CA LEU A 368 12.57 -0.47 10.40
C LEU A 368 11.68 0.66 10.97
N ALA A 369 10.50 0.27 11.47
CA ALA A 369 9.56 1.20 12.08
C ALA A 369 10.18 1.85 13.34
N LEU A 370 10.81 1.01 14.15
CA LEU A 370 11.46 1.49 15.37
C LEU A 370 12.65 2.35 15.03
N GLU A 371 13.43 1.96 14.02
CA GLU A 371 14.58 2.77 13.60
C GLU A 371 14.15 4.14 13.17
N ARG A 372 13.05 4.21 12.43
CA ARG A 372 12.61 5.48 11.91
C ARG A 372 12.19 6.36 13.06
N HIS A 373 11.47 5.73 13.97
CA HIS A 373 10.91 6.44 15.06
C HIS A 373 11.97 7.06 15.93
N THR A 374 13.00 6.30 16.27
CA THR A 374 14.07 6.81 17.13
C THR A 374 14.88 7.92 16.43
N ASP A 375 15.03 7.85 15.11
CA ASP A 375 15.71 8.90 14.37
C ASP A 375 14.87 10.18 14.29
N ASP A 376 13.57 10.02 14.11
CA ASP A 376 12.66 11.13 14.08
C ASP A 376 12.67 11.85 15.42
N GLN A 377 12.95 11.05 16.45
CA GLN A 377 12.82 11.44 17.83
C GLN A 377 13.75 12.55 18.11
N LEU A 378 14.98 12.41 17.65
CA LEU A 378 16.00 13.43 17.85
C LEU A 378 15.66 14.74 17.10
N LEU A 379 15.20 14.62 15.86
CA LEU A 379 14.83 15.79 15.03
C LEU A 379 13.60 16.51 15.54
N ARG A 380 12.59 15.77 16.03
CA ARG A 380 11.39 16.40 16.62
C ARG A 380 11.79 17.24 17.81
N SER A 381 12.61 16.64 18.67
CA SER A 381 13.14 17.26 19.90
C SER A 381 14.12 18.44 19.68
N ALA A 382 14.54 18.69 18.44
CA ALA A 382 15.43 19.82 18.10
C ALA A 382 14.71 21.19 18.04
N VAL A 383 13.38 21.19 17.98
CA VAL A 383 12.59 22.45 17.95
C VAL A 383 12.75 23.33 19.24
N GLU A 384 12.77 24.65 19.05
CA GLU A 384 12.91 25.58 20.19
C GLU A 384 11.56 26.00 20.74
#